data_2BVM
#
_entry.id   2BVM
#
_cell.length_a   65.777
_cell.length_b   97.298
_cell.length_c   114.448
_cell.angle_alpha   90.00
_cell.angle_beta   90.00
_cell.angle_gamma   90.00
#
_symmetry.space_group_name_H-M   'P 21 21 21'
#
loop_
_entity.id
_entity.type
_entity.pdbx_description
1 polymer 'TOXIN B'
2 non-polymer 'MANGANESE (II) ION'
3 non-polymer "URIDINE-5'-DIPHOSPHATE"
4 non-polymer alpha-D-glucopyranose
5 non-polymer 'SULFATE ION'
6 water water
#
_entity_poly.entity_id   1
_entity_poly.type   'polypeptide(L)'
_entity_poly.pdbx_seq_one_letter_code
;MSLVNRKQLEKMANVRFRTQEDEYVAILDALEEYHNMSENTVVEKYLKLKDINSLTDICIDTYKKSGRNKALKKFKEYLV
TEVLELKNNNLTPVEKNLHFVWIGGQINDTAINYINQWKDVNSDYNVNVFYDSNAFLINTLKKTVVESAINDTLESFREN
LNDPRFDYNKFFRKRMEIIYDKQKNFINYYKAQREENPELIIDDIVKTYLSNEYSKEIDELNTYIEESLNKITQNSGNDV
RNFGEFKNGESFNLYEQELVERWNLAAASDILRISALKEIGGMYLDVDMLPGIQPDLFESIEKPSSVTVDFWEMTKLEAI
MKYKEYIPEYTSEHFDMLDEEVQSSFESVLASKSDKSEIFSSLGDMEASPLEVKIAFNSKGIINQGLISVKDSYCSNLIV
KQIENRYKILNNSLNPAISEDNDFNTTTNTFIDSIMAEANADNGRFMMELGKYLRVGFFPDVKTTINLSGPEAYAAAYQD
LLMFKEGSMNIHLIEADLRNFEISKTNISQSTEQEMASLWSFDDARAKAQFEEYKRNYFEGA
;
_entity_poly.pdbx_strand_id   A
#
loop_
_chem_comp.id
_chem_comp.type
_chem_comp.name
_chem_comp.formula
GLC D-saccharide, alpha linking alpha-D-glucopyranose 'C6 H12 O6'
MN non-polymer 'MANGANESE (II) ION' 'Mn 2'
SO4 non-polymer 'SULFATE ION' 'O4 S -2'
UDP RNA linking URIDINE-5'-DIPHOSPHATE 'C9 H14 N2 O12 P2'
#
# COMPACT_ATOMS: atom_id res chain seq x y z
N MET A 1 17.50 0.09 -31.15
CA MET A 1 16.24 -0.10 -30.36
C MET A 1 15.39 1.18 -30.20
N SER A 2 15.72 2.22 -30.97
CA SER A 2 14.87 3.41 -31.15
C SER A 2 13.58 2.95 -31.83
N LEU A 3 12.65 3.87 -32.09
CA LEU A 3 11.47 3.43 -32.83
C LEU A 3 11.09 4.13 -34.14
N VAL A 4 10.44 3.34 -34.98
CA VAL A 4 9.99 3.65 -36.35
C VAL A 4 9.87 5.14 -36.73
N ASN A 5 10.47 5.49 -37.87
CA ASN A 5 10.44 6.84 -38.46
C ASN A 5 9.14 7.17 -39.20
N ARG A 6 9.03 8.42 -39.64
CA ARG A 6 7.85 8.92 -40.36
C ARG A 6 7.52 8.14 -41.63
N LYS A 7 8.53 7.87 -42.44
CA LYS A 7 8.31 7.21 -43.72
C LYS A 7 8.59 5.72 -43.59
N GLN A 8 9.12 5.34 -42.44
CA GLN A 8 9.27 3.95 -42.07
C GLN A 8 7.89 3.36 -41.72
N LEU A 9 7.08 4.16 -41.04
CA LEU A 9 5.68 3.83 -40.75
C LEU A 9 4.79 3.98 -42.00
N GLU A 10 5.10 4.98 -42.82
CA GLU A 10 4.28 5.33 -43.99
C GLU A 10 4.28 4.24 -45.09
N LYS A 11 5.40 3.43 -45.09
CA LYS A 11 5.45 2.27 -45.98
C LYS A 11 4.80 1.05 -45.33
N MET A 12 4.66 1.09 -44.01
CA MET A 12 4.06 0.02 -43.26
C MET A 12 2.54 0.01 -43.45
N ALA A 13 1.93 1.21 -43.43
CA ALA A 13 0.49 1.36 -43.54
C ALA A 13 0.07 1.90 -44.91
N ASN A 14 0.79 1.44 -45.94
CA ASN A 14 0.54 1.82 -47.32
C ASN A 14 -0.52 0.94 -47.99
N VAL A 15 -1.70 1.51 -48.23
CA VAL A 15 -2.79 0.80 -48.90
C VAL A 15 -2.93 1.32 -50.32
N ARG A 16 -2.77 0.43 -51.30
CA ARG A 16 -2.83 0.78 -52.72
C ARG A 16 -4.10 1.51 -53.12
N PHE A 17 -3.94 2.54 -53.96
CA PHE A 17 -5.03 3.25 -54.67
C PHE A 17 -6.04 4.06 -53.82
N ARG A 18 -5.76 4.27 -52.53
CA ARG A 18 -6.73 4.91 -51.63
C ARG A 18 -6.13 6.06 -50.79
N THR A 19 -6.81 7.24 -50.87
CA THR A 19 -6.27 8.51 -50.37
C THR A 19 -5.93 8.55 -48.87
N GLN A 20 -4.95 9.39 -48.49
CA GLN A 20 -4.54 9.54 -47.07
C GLN A 20 -5.31 10.61 -46.28
N GLU A 21 -6.21 10.15 -45.43
CA GLU A 21 -7.13 11.00 -44.66
C GLU A 21 -6.39 11.90 -43.68
N ASP A 22 -6.98 13.05 -43.36
CA ASP A 22 -6.39 14.03 -42.44
C ASP A 22 -5.83 13.39 -41.16
N GLU A 23 -6.67 12.65 -40.46
CA GLU A 23 -6.30 12.03 -39.18
C GLU A 23 -5.15 11.01 -39.25
N TYR A 24 -4.94 10.42 -40.43
CA TYR A 24 -3.76 9.59 -40.67
C TYR A 24 -2.50 10.45 -40.78
N VAL A 25 -2.59 11.56 -41.53
CA VAL A 25 -1.45 12.47 -41.78
C VAL A 25 -0.93 13.12 -40.48
N ALA A 26 -1.85 13.23 -39.49
CA ALA A 26 -1.52 13.74 -38.15
C ALA A 26 -0.60 12.81 -37.36
N ILE A 27 -0.76 11.49 -37.54
CA ILE A 27 0.10 10.48 -36.89
C ILE A 27 1.56 10.72 -37.30
N LEU A 28 1.79 10.76 -38.62
CA LEU A 28 3.13 10.87 -39.17
C LEU A 28 3.80 12.18 -38.75
N ASP A 29 2.99 13.27 -38.84
CA ASP A 29 3.41 14.59 -38.40
C ASP A 29 3.95 14.57 -36.97
N ALA A 30 3.13 14.09 -36.04
CA ALA A 30 3.49 14.00 -34.62
C ALA A 30 4.70 13.08 -34.37
N LEU A 31 4.81 12.02 -35.19
CA LEU A 31 5.91 11.06 -35.07
C LEU A 31 7.29 11.64 -35.45
N GLU A 32 7.36 12.42 -36.53
CA GLU A 32 8.62 13.05 -36.93
C GLU A 32 9.16 14.01 -35.86
N GLU A 33 8.30 14.93 -35.40
CA GLU A 33 8.68 15.92 -34.37
C GLU A 33 9.03 15.32 -33.02
N TYR A 34 8.54 14.11 -32.74
CA TYR A 34 8.99 13.34 -31.58
C TYR A 34 10.50 13.06 -31.66
N HIS A 35 10.98 12.76 -32.87
CA HIS A 35 12.40 12.47 -33.10
C HIS A 35 13.32 13.70 -33.11
N ASN A 36 12.72 14.88 -33.05
CA ASN A 36 13.48 16.11 -32.85
C ASN A 36 13.40 16.61 -31.42
N MET A 37 12.89 15.76 -30.53
CA MET A 37 12.60 16.18 -29.16
C MET A 37 13.69 15.86 -28.14
N SER A 38 14.92 15.70 -28.62
CA SER A 38 16.06 15.43 -27.73
C SER A 38 16.59 16.73 -27.10
N GLU A 39 15.66 17.52 -26.56
CA GLU A 39 15.92 18.72 -25.77
C GLU A 39 14.94 18.63 -24.61
N ASN A 40 13.80 18.02 -24.90
CA ASN A 40 12.67 17.97 -23.98
C ASN A 40 12.87 17.02 -22.82
N THR A 41 12.24 17.33 -21.71
CA THR A 41 12.18 16.46 -20.54
C THR A 41 11.63 15.07 -20.88
N VAL A 42 11.90 14.13 -19.98
CA VAL A 42 11.36 12.77 -20.09
C VAL A 42 9.82 12.77 -20.13
N VAL A 43 9.19 13.59 -19.30
CA VAL A 43 7.73 13.73 -19.31
C VAL A 43 7.18 14.27 -20.65
N GLU A 44 7.79 15.32 -21.19
CA GLU A 44 7.35 15.87 -22.47
C GLU A 44 7.37 14.85 -23.62
N LYS A 45 8.31 13.91 -23.58
CA LYS A 45 8.40 12.86 -24.58
C LYS A 45 7.29 11.82 -24.41
N TYR A 46 6.99 11.47 -23.16
CA TYR A 46 5.84 10.60 -22.91
C TYR A 46 4.53 11.21 -23.41
N LEU A 47 4.34 12.51 -23.18
CA LEU A 47 3.09 13.18 -23.54
C LEU A 47 2.93 13.29 -25.06
N LYS A 48 4.05 13.37 -25.75
CA LYS A 48 4.06 13.28 -27.21
C LYS A 48 3.74 11.85 -27.69
N LEU A 49 4.16 10.86 -26.89
CA LEU A 49 3.84 9.46 -27.21
C LEU A 49 2.37 9.19 -26.97
N LYS A 50 1.84 9.74 -25.89
CA LYS A 50 0.41 9.59 -25.57
C LYS A 50 -0.45 10.13 -26.72
N ASP A 51 -0.02 11.24 -27.29
CA ASP A 51 -0.83 11.95 -28.26
C ASP A 51 -0.84 11.24 -29.62
N ILE A 52 0.34 10.82 -30.07
CA ILE A 52 0.45 9.93 -31.22
C ILE A 52 -0.52 8.74 -31.07
N ASN A 53 -0.58 8.15 -29.88
CA ASN A 53 -1.54 7.08 -29.60
C ASN A 53 -2.99 7.56 -29.65
N SER A 54 -3.27 8.72 -29.08
CA SER A 54 -4.61 9.32 -29.12
C SER A 54 -5.07 9.70 -30.55
N LEU A 55 -4.11 9.94 -31.45
CA LEU A 55 -4.43 10.21 -32.85
C LEU A 55 -4.67 8.91 -33.65
N THR A 56 -3.96 7.86 -33.26
CA THR A 56 -4.04 6.57 -33.96
C THR A 56 -5.35 5.86 -33.67
N ASP A 57 -5.77 5.83 -32.40
CA ASP A 57 -7.08 5.25 -32.08
C ASP A 57 -8.27 6.07 -32.66
N ILE A 58 -8.02 7.34 -32.96
CA ILE A 58 -9.02 8.23 -33.58
C ILE A 58 -9.05 8.08 -35.10
N CYS A 59 -7.93 7.64 -35.67
CA CYS A 59 -7.87 7.30 -37.09
C CYS A 59 -8.68 6.03 -37.37
N ILE A 60 -8.40 4.97 -36.60
CA ILE A 60 -9.15 3.70 -36.64
C ILE A 60 -10.65 3.92 -36.45
N ASP A 61 -11.03 4.54 -35.34
CA ASP A 61 -12.42 4.91 -35.01
C ASP A 61 -13.22 5.38 -36.24
N THR A 62 -12.73 6.42 -36.91
CA THR A 62 -13.42 7.02 -38.06
C THR A 62 -13.43 6.12 -39.30
N TYR A 63 -12.46 5.20 -39.38
CA TYR A 63 -12.31 4.35 -40.57
C TYR A 63 -12.23 2.87 -40.22
N LYS A 64 -13.32 2.37 -39.64
CA LYS A 64 -13.46 0.96 -39.27
C LYS A 64 -13.23 0.02 -40.46
N LYS A 65 -13.55 0.49 -41.67
CA LYS A 65 -13.30 -0.25 -42.91
C LYS A 65 -12.07 0.30 -43.66
N SER A 66 -10.92 0.29 -43.00
CA SER A 66 -9.67 0.78 -43.59
C SER A 66 -8.59 -0.29 -43.60
N GLY A 67 -7.86 -0.38 -44.72
CA GLY A 67 -6.79 -1.37 -44.88
C GLY A 67 -5.56 -1.06 -44.07
N ARG A 68 -5.47 0.18 -43.58
CA ARG A 68 -4.33 0.61 -42.77
C ARG A 68 -4.38 0.03 -41.36
N ASN A 69 -5.58 -0.33 -40.92
CA ASN A 69 -5.85 -0.81 -39.56
C ASN A 69 -4.92 -1.90 -38.98
N LYS A 70 -4.32 -2.73 -39.84
CA LYS A 70 -3.39 -3.76 -39.38
C LYS A 70 -2.07 -3.14 -38.91
N ALA A 71 -1.45 -2.34 -39.78
CA ALA A 71 -0.24 -1.62 -39.43
C ALA A 71 -0.47 -0.52 -38.38
N LEU A 72 -1.65 0.11 -38.42
CA LEU A 72 -2.05 1.08 -37.41
C LEU A 72 -2.12 0.49 -36.00
N LYS A 73 -2.47 -0.80 -35.92
CA LYS A 73 -2.53 -1.52 -34.65
C LYS A 73 -1.18 -2.11 -34.23
N LYS A 74 -0.31 -2.40 -35.20
CA LYS A 74 1.04 -2.86 -34.90
C LYS A 74 1.92 -1.70 -34.45
N PHE A 75 1.63 -0.50 -34.97
CA PHE A 75 2.30 0.72 -34.55
C PHE A 75 2.02 1.05 -33.07
N LYS A 76 0.75 0.91 -32.67
CA LYS A 76 0.33 1.13 -31.28
C LYS A 76 1.13 0.31 -30.25
N GLU A 77 1.71 -0.79 -30.71
CA GLU A 77 2.49 -1.66 -29.85
C GLU A 77 3.93 -1.17 -29.77
N TYR A 78 4.44 -0.68 -30.90
CA TYR A 78 5.76 -0.07 -30.95
C TYR A 78 5.83 1.12 -30.00
N LEU A 79 4.70 1.81 -29.81
CA LEU A 79 4.63 2.94 -28.89
C LEU A 79 4.80 2.52 -27.43
N VAL A 80 4.25 1.36 -27.09
CA VAL A 80 4.41 0.82 -25.73
C VAL A 80 5.90 0.54 -25.46
N THR A 81 6.54 -0.19 -26.37
CA THR A 81 7.97 -0.49 -26.30
C THR A 81 8.81 0.77 -26.09
N GLU A 82 8.45 1.84 -26.78
CA GLU A 82 9.14 3.11 -26.66
C GLU A 82 9.00 3.77 -25.28
N VAL A 83 7.80 3.69 -24.68
CA VAL A 83 7.63 4.14 -23.29
C VAL A 83 8.63 3.41 -22.40
N LEU A 84 8.68 2.08 -22.50
CA LEU A 84 9.63 1.25 -21.74
C LEU A 84 11.09 1.58 -22.02
N GLU A 85 11.40 1.99 -23.25
CA GLU A 85 12.75 2.47 -23.58
C GLU A 85 13.04 3.84 -22.95
N LEU A 86 12.08 4.76 -23.06
CA LEU A 86 12.16 6.10 -22.45
C LEU A 86 12.37 6.02 -20.93
N LYS A 87 11.73 5.03 -20.30
CA LYS A 87 11.76 4.85 -18.85
C LYS A 87 13.11 4.34 -18.35
N ASN A 88 13.64 3.31 -19.03
CA ASN A 88 14.83 2.58 -18.55
C ASN A 88 16.14 3.29 -18.85
N ASN A 89 16.15 4.10 -19.89
CA ASN A 89 17.37 4.75 -20.35
C ASN A 89 17.57 6.17 -19.84
N ASN A 90 16.52 6.79 -19.33
CA ASN A 90 16.60 8.20 -18.91
C ASN A 90 16.33 8.36 -17.42
N LEU A 91 17.38 8.17 -16.65
CA LEU A 91 17.31 8.06 -15.20
C LEU A 91 17.83 9.33 -14.53
N THR A 92 17.15 9.76 -13.47
CA THR A 92 17.56 10.91 -12.66
C THR A 92 17.75 10.45 -11.21
N PRO A 93 18.68 11.08 -10.46
CA PRO A 93 18.84 10.81 -9.02
C PRO A 93 17.53 10.80 -8.20
N VAL A 94 17.34 9.77 -7.39
CA VAL A 94 16.25 9.72 -6.42
C VAL A 94 16.67 10.48 -5.16
N GLU A 95 15.85 11.43 -4.71
CA GLU A 95 16.05 12.19 -3.45
C GLU A 95 16.34 11.28 -2.26
N LYS A 96 17.43 11.54 -1.55
CA LYS A 96 17.81 10.72 -0.40
C LYS A 96 16.92 10.92 0.84
N ASN A 97 15.65 10.50 0.72
CA ASN A 97 14.69 10.45 1.84
C ASN A 97 14.19 9.03 2.07
N LEU A 98 14.13 8.65 3.34
CA LEU A 98 13.41 7.45 3.74
C LEU A 98 12.14 7.87 4.46
N HIS A 99 11.01 7.34 4.00
CA HIS A 99 9.72 7.65 4.56
C HIS A 99 9.10 6.43 5.23
N PHE A 100 8.79 6.58 6.52
CA PHE A 100 8.00 5.61 7.25
C PHE A 100 6.74 6.32 7.72
N VAL A 101 5.72 5.54 8.05
CA VAL A 101 4.47 6.06 8.61
C VAL A 101 4.11 5.22 9.83
N TRP A 102 3.82 5.90 10.92
CA TRP A 102 3.15 5.30 12.05
C TRP A 102 2.15 6.32 12.61
N ILE A 103 0.87 6.03 12.42
CA ILE A 103 -0.22 6.89 12.83
C ILE A 103 -1.21 6.10 13.70
N GLY A 104 -1.97 6.83 14.52
CA GLY A 104 -3.07 6.25 15.28
C GLY A 104 -2.78 5.99 16.75
N GLY A 105 -1.50 5.98 17.10
CA GLY A 105 -1.09 5.79 18.49
C GLY A 105 0.40 5.86 18.61
N GLN A 106 0.90 5.63 19.82
CA GLN A 106 2.34 5.65 20.07
C GLN A 106 3.09 4.65 19.19
N ILE A 107 4.30 5.04 18.80
CA ILE A 107 5.19 4.12 18.10
C ILE A 107 5.85 3.16 19.11
N ASN A 108 5.84 1.88 18.78
CA ASN A 108 6.41 0.86 19.66
C ASN A 108 7.91 0.64 19.36
N ASP A 109 8.67 0.25 20.38
CA ASP A 109 10.11 0.01 20.25
C ASP A 109 10.53 -0.85 19.04
N THR A 110 9.73 -1.86 18.71
CA THR A 110 10.01 -2.75 17.57
C THR A 110 10.21 -1.97 16.27
N ALA A 111 9.25 -1.11 15.95
CA ALA A 111 9.32 -0.27 14.77
C ALA A 111 10.59 0.60 14.75
N ILE A 112 10.92 1.22 15.87
CA ILE A 112 12.06 2.10 15.97
C ILE A 112 13.36 1.30 15.77
N ASN A 113 13.38 0.09 16.33
CA ASN A 113 14.50 -0.82 16.19
C ASN A 113 14.69 -1.30 14.75
N TYR A 114 13.59 -1.43 14.01
CA TYR A 114 13.65 -1.74 12.59
C TYR A 114 14.10 -0.52 11.81
N ILE A 115 13.51 0.63 12.14
CA ILE A 115 13.84 1.90 11.50
C ILE A 115 15.33 2.21 11.71
N ASN A 116 15.84 1.95 12.91
CA ASN A 116 17.23 2.30 13.22
C ASN A 116 18.28 1.55 12.39
N GLN A 117 17.92 0.36 11.93
CA GLN A 117 18.80 -0.42 11.05
C GLN A 117 19.02 0.28 9.71
N TRP A 118 17.94 0.84 9.17
CA TRP A 118 18.01 1.68 7.99
C TRP A 118 18.87 2.92 8.27
N LYS A 119 18.66 3.54 9.44
CA LYS A 119 19.47 4.69 9.85
C LYS A 119 20.95 4.32 9.87
N ASP A 120 21.27 3.18 10.49
CA ASP A 120 22.66 2.81 10.75
C ASP A 120 23.49 2.55 9.48
N VAL A 121 22.85 2.07 8.41
CA VAL A 121 23.55 1.85 7.14
C VAL A 121 23.23 2.88 6.03
N ASN A 122 22.43 3.89 6.37
CA ASN A 122 22.10 4.96 5.42
C ASN A 122 22.22 6.38 6.03
N SER A 123 23.41 6.70 6.54
CA SER A 123 23.70 8.00 7.16
C SER A 123 23.53 9.20 6.23
N ASP A 124 23.64 8.94 4.92
CA ASP A 124 23.48 9.98 3.89
C ASP A 124 22.01 10.26 3.50
N TYR A 125 21.09 9.43 4.00
CA TYR A 125 19.64 9.59 3.78
C TYR A 125 18.92 10.31 4.93
N ASN A 126 18.07 11.28 4.59
CA ASN A 126 17.16 11.91 5.53
C ASN A 126 15.99 10.97 5.84
N VAL A 127 15.50 10.97 7.08
CA VAL A 127 14.45 10.03 7.48
C VAL A 127 13.26 10.74 8.06
N ASN A 128 12.08 10.51 7.50
CA ASN A 128 10.85 10.96 8.13
C ASN A 128 10.07 9.79 8.67
N VAL A 129 9.60 9.90 9.91
CA VAL A 129 8.65 8.94 10.45
C VAL A 129 7.33 9.66 10.70
N PHE A 130 6.43 9.56 9.73
CA PHE A 130 5.19 10.31 9.76
C PHE A 130 4.21 9.86 10.81
N TYR A 131 3.67 10.84 11.54
CA TYR A 131 2.65 10.59 12.55
C TYR A 131 1.61 11.70 12.40
N ASP A 132 0.44 11.53 13.02
CA ASP A 132 -0.59 12.55 13.04
C ASP A 132 -0.76 13.07 14.47
N SER A 133 -0.35 14.30 14.74
CA SER A 133 -0.37 14.83 16.13
C SER A 133 -1.77 15.07 16.75
N ASN A 134 -2.81 15.05 15.92
CA ASN A 134 -4.22 15.16 16.37
C ASN A 134 -4.86 13.80 16.69
N ALA A 135 -4.17 12.70 16.38
CA ALA A 135 -4.79 11.36 16.36
C ALA A 135 -3.92 10.26 16.99
N PHE A 136 -3.42 10.49 18.20
CA PHE A 136 -2.70 9.44 18.93
C PHE A 136 -3.63 8.38 19.59
N LEU A 137 -4.94 8.65 19.61
CA LEU A 137 -5.88 7.84 20.39
C LEU A 137 -6.80 6.91 19.58
N ILE A 138 -6.64 6.88 18.27
CA ILE A 138 -7.43 5.99 17.41
C ILE A 138 -7.15 4.52 17.72
N ASN A 139 -5.89 4.17 17.91
CA ASN A 139 -5.55 2.79 18.23
C ASN A 139 -6.13 2.36 19.56
N THR A 140 -6.14 3.30 20.50
CA THR A 140 -6.80 3.10 21.78
C THR A 140 -8.32 2.97 21.61
N LEU A 141 -8.89 3.84 20.79
CA LEU A 141 -10.32 3.82 20.53
C LEU A 141 -10.76 2.47 19.97
N LYS A 142 -10.06 1.99 18.94
CA LYS A 142 -10.39 0.72 18.29
C LYS A 142 -10.27 -0.48 19.23
N LYS A 143 -9.14 -0.56 19.94
CA LYS A 143 -8.88 -1.65 20.87
C LYS A 143 -9.92 -1.74 22.00
N THR A 144 -10.27 -0.60 22.60
CA THR A 144 -11.33 -0.54 23.61
C THR A 144 -12.65 -1.07 23.05
N VAL A 145 -12.99 -0.62 21.84
CA VAL A 145 -14.25 -0.96 21.19
C VAL A 145 -14.30 -2.45 20.81
N VAL A 146 -13.23 -2.94 20.18
CA VAL A 146 -13.13 -4.36 19.83
C VAL A 146 -13.24 -5.23 21.08
N GLU A 147 -12.50 -4.88 22.12
CA GLU A 147 -12.53 -5.68 23.35
C GLU A 147 -13.90 -5.68 24.04
N SER A 148 -14.55 -4.52 24.07
CA SER A 148 -15.91 -4.40 24.56
C SER A 148 -16.82 -5.33 23.77
N ALA A 149 -16.64 -5.35 22.45
CA ALA A 149 -17.42 -6.24 21.59
C ALA A 149 -17.07 -7.71 21.79
N ILE A 150 -15.79 -8.01 22.02
CA ILE A 150 -15.34 -9.37 22.34
C ILE A 150 -16.09 -9.86 23.57
N ASN A 151 -16.08 -9.03 24.61
CA ASN A 151 -16.69 -9.39 25.88
C ASN A 151 -18.21 -9.54 25.77
N ASP A 152 -18.88 -8.64 25.02
CA ASP A 152 -20.33 -8.72 24.83
C ASP A 152 -20.80 -9.96 24.09
N THR A 153 -20.06 -10.36 23.04
CA THR A 153 -20.38 -11.57 22.26
C THR A 153 -20.25 -12.81 23.13
N LEU A 154 -19.20 -12.85 23.95
CA LEU A 154 -18.99 -13.98 24.86
C LEU A 154 -20.05 -14.05 25.94
N GLU A 155 -20.48 -12.88 26.43
CA GLU A 155 -21.61 -12.78 27.33
C GLU A 155 -22.87 -13.38 26.70
N SER A 156 -23.01 -13.23 25.38
CA SER A 156 -24.13 -13.82 24.64
C SER A 156 -24.10 -15.35 24.59
N PHE A 157 -22.93 -15.92 24.33
CA PHE A 157 -22.77 -17.37 24.23
C PHE A 157 -22.79 -17.97 25.63
N ARG A 158 -21.61 -17.94 26.27
CA ARG A 158 -21.26 -18.61 27.56
C ARG A 158 -21.93 -19.94 27.99
N GLU A 159 -23.25 -19.99 28.14
CA GLU A 159 -23.92 -21.27 28.44
C GLU A 159 -23.83 -22.24 27.25
N ASN A 160 -23.36 -21.73 26.11
CA ASN A 160 -23.14 -22.55 24.92
C ASN A 160 -21.69 -22.50 24.44
N LEU A 161 -20.77 -22.20 25.35
CA LEU A 161 -19.35 -22.18 25.01
C LEU A 161 -18.80 -23.55 24.60
N ASN A 162 -19.38 -24.61 25.18
CA ASN A 162 -18.95 -25.99 24.91
C ASN A 162 -19.36 -26.47 23.54
N ASP A 163 -20.52 -26.02 23.09
CA ASP A 163 -21.14 -26.59 21.90
C ASP A 163 -22.42 -25.85 21.46
N PRO A 164 -22.99 -26.22 20.29
CA PRO A 164 -22.34 -27.17 19.38
C PRO A 164 -21.33 -26.43 18.52
N ARG A 165 -21.81 -25.80 17.46
CA ARG A 165 -21.00 -24.89 16.68
C ARG A 165 -21.35 -23.44 17.02
N PHE A 166 -20.94 -23.03 18.22
CA PHE A 166 -20.71 -21.63 18.49
C PHE A 166 -19.22 -21.50 18.23
N ASP A 167 -18.85 -21.68 16.96
CA ASP A 167 -17.46 -21.72 16.55
C ASP A 167 -16.89 -20.31 16.30
N TYR A 168 -15.73 -20.23 15.68
CA TYR A 168 -15.05 -18.95 15.50
C TYR A 168 -15.69 -18.09 14.40
N ASN A 169 -16.31 -18.77 13.43
CA ASN A 169 -17.08 -18.10 12.38
C ASN A 169 -18.23 -17.32 13.00
N LYS A 170 -19.03 -18.01 13.81
CA LYS A 170 -20.20 -17.44 14.47
C LYS A 170 -19.83 -16.29 15.40
N PHE A 171 -18.78 -16.48 16.19
CA PHE A 171 -18.28 -15.43 17.07
C PHE A 171 -17.94 -14.12 16.31
N PHE A 172 -17.14 -14.21 15.25
CA PHE A 172 -16.77 -13.01 14.49
C PHE A 172 -17.95 -12.35 13.79
N ARG A 173 -18.91 -13.17 13.35
CA ARG A 173 -20.18 -12.64 12.82
C ARG A 173 -20.95 -11.79 13.83
N LYS A 174 -21.17 -12.35 15.03
CA LYS A 174 -21.89 -11.62 16.09
C LYS A 174 -21.10 -10.40 16.52
N ARG A 175 -19.80 -10.58 16.73
CA ARG A 175 -18.96 -9.50 17.16
C ARG A 175 -19.02 -8.35 16.15
N MET A 176 -19.19 -8.69 14.87
CA MET A 176 -19.22 -7.66 13.82
C MET A 176 -20.41 -6.73 13.99
N GLU A 177 -21.56 -7.31 14.28
CA GLU A 177 -22.75 -6.55 14.55
C GLU A 177 -22.54 -5.57 15.70
N ILE A 178 -21.96 -6.05 16.80
CA ILE A 178 -21.72 -5.19 17.96
C ILE A 178 -20.70 -4.11 17.60
N ILE A 179 -19.62 -4.50 16.93
CA ILE A 179 -18.63 -3.54 16.50
C ILE A 179 -19.24 -2.45 15.63
N TYR A 180 -20.00 -2.85 14.61
CA TYR A 180 -20.63 -1.87 13.73
C TYR A 180 -21.42 -0.82 14.54
N ASP A 181 -22.25 -1.29 15.49
CA ASP A 181 -23.11 -0.41 16.29
C ASP A 181 -22.32 0.57 17.17
N LYS A 182 -21.13 0.14 17.60
CA LYS A 182 -20.34 0.96 18.49
C LYS A 182 -19.64 2.03 17.67
N GLN A 183 -19.07 1.59 16.57
CA GLN A 183 -18.42 2.43 15.61
C GLN A 183 -19.37 3.51 15.12
N LYS A 184 -20.59 3.12 14.71
CA LYS A 184 -21.59 4.09 14.26
C LYS A 184 -22.05 5.04 15.39
N ASN A 185 -21.92 4.59 16.63
CA ASN A 185 -22.23 5.44 17.77
C ASN A 185 -21.14 6.51 17.96
N PHE A 186 -19.89 6.10 17.71
CA PHE A 186 -18.78 7.02 17.80
C PHE A 186 -18.77 7.99 16.62
N ILE A 187 -18.94 7.46 15.41
CA ILE A 187 -18.99 8.29 14.20
C ILE A 187 -20.04 9.40 14.37
N ASN A 188 -21.25 9.03 14.80
CA ASN A 188 -22.29 10.02 15.09
C ASN A 188 -21.85 11.06 16.11
N TYR A 189 -21.12 10.63 17.13
CA TYR A 189 -20.63 11.57 18.13
C TYR A 189 -19.61 12.54 17.51
N TYR A 190 -18.59 11.99 16.85
CA TYR A 190 -17.60 12.76 16.12
C TYR A 190 -18.21 13.89 15.27
N LYS A 191 -19.22 13.54 14.47
CA LYS A 191 -19.91 14.47 13.57
C LYS A 191 -20.77 15.50 14.28
N ALA A 192 -21.44 15.10 15.36
CA ALA A 192 -22.18 16.05 16.19
C ALA A 192 -21.22 17.10 16.78
N GLN A 193 -20.08 16.64 17.30
CA GLN A 193 -19.06 17.51 17.88
C GLN A 193 -18.35 18.43 16.90
N ARG A 194 -18.04 17.95 15.71
CA ARG A 194 -17.34 18.74 14.68
C ARG A 194 -18.28 19.83 14.11
N GLU A 195 -19.58 19.58 14.16
CA GLU A 195 -20.60 20.52 13.70
C GLU A 195 -20.77 21.65 14.72
N GLU A 196 -20.65 21.27 15.98
CA GLU A 196 -20.84 22.15 17.14
C GLU A 196 -19.57 22.97 17.40
N ASN A 197 -18.45 22.29 17.50
CA ASN A 197 -17.17 22.95 17.65
C ASN A 197 -16.21 22.52 16.54
N PRO A 198 -16.21 23.25 15.40
CA PRO A 198 -15.31 22.89 14.28
C PRO A 198 -13.82 22.91 14.66
N GLU A 199 -13.49 23.54 15.80
CA GLU A 199 -12.10 23.68 16.27
C GLU A 199 -11.55 22.43 17.02
N LEU A 200 -12.42 21.48 17.34
CA LEU A 200 -12.00 20.33 18.13
C LEU A 200 -11.18 19.37 17.29
N ILE A 201 -9.99 19.01 17.78
CA ILE A 201 -9.14 18.05 17.09
C ILE A 201 -9.59 16.62 17.40
N ILE A 202 -9.23 15.68 16.53
CA ILE A 202 -9.63 14.27 16.67
C ILE A 202 -9.49 13.75 18.11
N ASP A 203 -8.30 13.88 18.68
CA ASP A 203 -8.02 13.37 20.03
C ASP A 203 -8.90 13.95 21.14
N ASP A 204 -9.34 15.20 21.00
CA ASP A 204 -10.27 15.79 21.96
C ASP A 204 -11.62 15.06 21.99
N ILE A 205 -12.21 14.89 20.81
CA ILE A 205 -13.44 14.15 20.64
C ILE A 205 -13.28 12.74 21.21
N VAL A 206 -12.20 12.06 20.79
CA VAL A 206 -11.90 10.67 21.17
C VAL A 206 -11.75 10.41 22.68
N LYS A 207 -10.98 11.25 23.37
CA LYS A 207 -10.75 11.04 24.81
C LYS A 207 -12.00 11.35 25.63
N THR A 208 -12.77 12.34 25.19
CA THR A 208 -14.02 12.71 25.83
C THR A 208 -14.98 11.54 25.64
N TYR A 209 -14.96 10.96 24.44
CA TYR A 209 -15.78 9.79 24.13
C TYR A 209 -15.43 8.60 25.02
N LEU A 210 -14.13 8.30 25.10
CA LEU A 210 -13.62 7.20 25.90
C LEU A 210 -13.91 7.39 27.37
N SER A 211 -13.92 8.65 27.81
CA SER A 211 -14.31 8.98 29.18
C SER A 211 -15.80 8.77 29.40
N ASN A 212 -16.63 9.27 28.48
CA ASN A 212 -18.09 9.18 28.64
C ASN A 212 -18.63 7.77 28.48
N GLU A 213 -18.01 6.96 27.63
CA GLU A 213 -18.57 5.67 27.23
C GLU A 213 -17.85 4.45 27.80
N TYR A 214 -16.56 4.59 28.13
CA TYR A 214 -15.78 3.45 28.62
C TYR A 214 -15.05 3.70 29.93
N SER A 215 -15.38 4.83 30.56
CA SER A 215 -14.85 5.22 31.87
C SER A 215 -13.32 5.29 31.90
N LYS A 216 -12.74 5.84 30.84
CA LYS A 216 -11.30 6.08 30.77
C LYS A 216 -10.99 7.43 31.37
N GLU A 217 -9.87 7.53 32.07
CA GLU A 217 -9.45 8.78 32.69
C GLU A 217 -8.79 9.70 31.68
N ILE A 218 -9.30 10.92 31.55
CA ILE A 218 -8.75 11.89 30.62
C ILE A 218 -7.28 12.20 30.95
N ASP A 219 -6.94 12.29 32.24
CA ASP A 219 -5.57 12.51 32.67
C ASP A 219 -4.57 11.47 32.13
N GLU A 220 -4.97 10.21 32.11
CA GLU A 220 -4.07 9.12 31.67
C GLU A 220 -3.90 9.14 30.17
N LEU A 221 -4.98 9.46 29.47
CA LEU A 221 -4.97 9.64 28.03
C LEU A 221 -4.09 10.82 27.64
N ASN A 222 -4.23 11.94 28.37
CA ASN A 222 -3.39 13.11 28.14
C ASN A 222 -1.92 12.80 28.32
N THR A 223 -1.60 12.03 29.36
CA THR A 223 -0.23 11.61 29.64
C THR A 223 0.30 10.78 28.48
N TYR A 224 -0.55 9.89 27.98
CA TYR A 224 -0.24 9.02 26.86
C TYR A 224 0.07 9.85 25.59
N ILE A 225 -0.81 10.79 25.26
CA ILE A 225 -0.58 11.76 24.18
C ILE A 225 0.79 12.45 24.33
N GLU A 226 1.09 12.96 25.52
CA GLU A 226 2.36 13.65 25.75
C GLU A 226 3.60 12.74 25.59
N GLU A 227 3.48 11.47 26.00
CA GLU A 227 4.61 10.55 25.86
C GLU A 227 4.82 10.19 24.39
N SER A 228 3.73 9.83 23.71
CA SER A 228 3.75 9.54 22.27
C SER A 228 4.35 10.67 21.46
N LEU A 229 3.99 11.92 21.80
CA LEU A 229 4.52 13.09 21.09
C LEU A 229 6.01 13.21 21.29
N ASN A 230 6.46 13.05 22.54
CA ASN A 230 7.88 13.11 22.86
C ASN A 230 8.69 12.01 22.19
N LYS A 231 8.14 10.79 22.18
CA LYS A 231 8.81 9.64 21.58
C LYS A 231 9.00 9.78 20.07
N ILE A 232 8.00 10.28 19.36
CA ILE A 232 8.09 10.43 17.91
C ILE A 232 9.03 11.59 17.54
N THR A 233 9.03 12.64 18.36
CA THR A 233 9.95 13.79 18.20
C THR A 233 11.41 13.36 18.31
N GLN A 234 11.68 12.44 19.24
CA GLN A 234 13.01 11.86 19.43
C GLN A 234 13.38 10.91 18.28
N ASN A 235 12.41 10.58 17.43
CA ASN A 235 12.66 9.62 16.35
C ASN A 235 12.23 10.08 14.96
N SER A 236 12.74 11.24 14.55
CA SER A 236 12.58 11.72 13.17
C SER A 236 11.12 11.93 12.81
N GLY A 237 10.30 12.20 13.82
CA GLY A 237 8.87 12.42 13.63
C GLY A 237 8.62 13.50 12.61
N ASN A 238 7.55 13.32 11.84
CA ASN A 238 7.12 14.33 10.88
C ASN A 238 5.59 14.32 10.86
N ASP A 239 5.00 15.48 11.11
CA ASP A 239 3.58 15.58 11.42
C ASP A 239 2.74 15.80 10.16
N VAL A 240 1.79 14.90 9.96
CA VAL A 240 0.79 15.03 8.91
C VAL A 240 0.10 16.41 8.97
N ARG A 241 -0.07 16.96 10.17
CA ARG A 241 -0.72 18.27 10.34
C ARG A 241 0.15 19.46 9.91
N ASN A 242 1.39 19.22 9.49
CA ASN A 242 2.25 20.25 8.90
C ASN A 242 2.56 20.00 7.41
N PHE A 243 2.14 18.83 6.91
CA PHE A 243 2.23 18.48 5.50
C PHE A 243 1.11 19.18 4.73
N GLY A 244 1.35 20.42 4.32
CA GLY A 244 0.35 21.29 3.72
C GLY A 244 -0.27 20.84 2.41
N GLU A 245 0.56 20.39 1.48
CA GLU A 245 0.07 19.90 0.18
C GLU A 245 -0.85 18.70 0.37
N PHE A 246 -0.57 17.88 1.39
CA PHE A 246 -1.43 16.75 1.76
C PHE A 246 -2.72 17.21 2.45
N LYS A 247 -2.60 18.05 3.47
CA LYS A 247 -3.77 18.67 4.12
C LYS A 247 -4.79 19.29 3.15
N ASN A 248 -4.29 19.98 2.11
CA ASN A 248 -5.14 20.71 1.17
C ASN A 248 -5.56 19.94 -0.07
N GLY A 249 -5.04 18.73 -0.24
CA GLY A 249 -5.36 17.97 -1.44
C GLY A 249 -6.69 17.26 -1.30
N GLU A 250 -7.11 16.64 -2.40
CA GLU A 250 -8.38 15.94 -2.46
C GLU A 250 -8.36 14.62 -1.71
N SER A 251 -7.22 14.23 -1.15
CA SER A 251 -7.10 12.92 -0.51
C SER A 251 -7.17 12.99 1.01
N PHE A 252 -7.13 14.19 1.55
CA PHE A 252 -7.17 14.33 2.98
C PHE A 252 -8.47 13.83 3.60
N ASN A 253 -9.60 14.13 2.98
CA ASN A 253 -10.88 13.65 3.51
C ASN A 253 -10.93 12.10 3.53
N LEU A 254 -10.30 11.48 2.53
CA LEU A 254 -10.21 10.02 2.41
C LEU A 254 -9.32 9.44 3.48
N TYR A 255 -8.15 10.05 3.66
CA TYR A 255 -7.24 9.70 4.73
C TYR A 255 -7.94 9.72 6.10
N GLU A 256 -8.76 10.74 6.33
CA GLU A 256 -9.48 10.88 7.59
C GLU A 256 -10.63 9.90 7.69
N GLN A 257 -11.33 9.67 6.58
CA GLN A 257 -12.33 8.63 6.52
C GLN A 257 -11.77 7.34 7.07
N GLU A 258 -10.55 6.98 6.66
CA GLU A 258 -9.94 5.73 7.08
C GLU A 258 -9.46 5.78 8.54
N LEU A 259 -8.91 6.92 8.92
CA LEU A 259 -8.39 7.15 10.26
C LEU A 259 -9.50 7.19 11.32
N VAL A 260 -10.50 8.04 11.09
CA VAL A 260 -11.51 8.39 12.08
C VAL A 260 -12.72 7.46 12.07
N GLU A 261 -13.26 7.14 10.90
CA GLU A 261 -14.46 6.29 10.82
C GLU A 261 -14.16 4.80 10.73
N ARG A 262 -13.24 4.42 9.85
CA ARG A 262 -12.94 3.02 9.59
C ARG A 262 -11.90 2.38 10.51
N TRP A 263 -11.11 3.24 11.18
CA TRP A 263 -9.98 2.83 12.02
C TRP A 263 -9.07 1.86 11.29
N ASN A 264 -8.77 2.19 10.05
CA ASN A 264 -7.84 1.39 9.24
C ASN A 264 -6.58 2.22 8.96
N LEU A 265 -5.58 2.00 9.81
CA LEU A 265 -4.38 2.81 9.78
C LEU A 265 -3.51 2.38 8.60
N ALA A 266 -3.68 1.14 8.13
CA ALA A 266 -2.98 0.71 6.94
C ALA A 266 -3.51 1.44 5.69
N ALA A 267 -4.83 1.56 5.57
CA ALA A 267 -5.42 2.33 4.46
C ALA A 267 -5.05 3.80 4.55
N ALA A 268 -5.03 4.36 5.75
CA ALA A 268 -4.61 5.75 5.95
C ALA A 268 -3.14 5.90 5.55
N SER A 269 -2.34 4.90 5.89
CA SER A 269 -0.93 4.85 5.53
C SER A 269 -0.70 4.79 4.02
N ASP A 270 -1.50 3.99 3.32
CA ASP A 270 -1.51 3.90 1.87
C ASP A 270 -1.73 5.25 1.17
N ILE A 271 -2.65 6.04 1.72
CA ILE A 271 -3.06 7.28 1.10
C ILE A 271 -1.95 8.33 1.30
N LEU A 272 -1.40 8.35 2.51
CA LEU A 272 -0.33 9.28 2.87
C LEU A 272 0.99 8.97 2.16
N ARG A 273 1.40 7.70 2.16
CA ARG A 273 2.71 7.33 1.60
C ARG A 273 2.90 7.77 0.14
N ILE A 274 1.91 7.53 -0.72
CA ILE A 274 2.01 7.95 -2.12
C ILE A 274 2.12 9.47 -2.25
N SER A 275 1.50 10.19 -1.31
CA SER A 275 1.53 11.65 -1.33
C SER A 275 2.88 12.18 -0.86
N ALA A 276 3.46 11.51 0.14
CA ALA A 276 4.81 11.81 0.56
C ALA A 276 5.77 11.67 -0.63
N LEU A 277 5.67 10.56 -1.34
CA LEU A 277 6.49 10.30 -2.52
C LEU A 277 6.33 11.36 -3.62
N LYS A 278 5.09 11.69 -3.93
CA LYS A 278 4.77 12.71 -4.94
C LYS A 278 5.36 14.08 -4.57
N GLU A 279 5.27 14.42 -3.29
CA GLU A 279 5.64 15.77 -2.84
C GLU A 279 7.10 15.95 -2.44
N ILE A 280 7.76 14.90 -1.97
CA ILE A 280 9.12 15.02 -1.47
C ILE A 280 10.11 14.16 -2.27
N GLY A 281 9.66 12.99 -2.70
CA GLY A 281 10.52 12.04 -3.41
C GLY A 281 11.30 11.17 -2.46
N GLY A 282 11.77 10.03 -2.96
CA GLY A 282 12.56 9.11 -2.16
C GLY A 282 12.06 7.69 -2.13
N MET A 283 12.23 7.04 -0.98
CA MET A 283 11.89 5.63 -0.80
C MET A 283 10.99 5.46 0.40
N TYR A 284 9.82 4.84 0.19
CA TYR A 284 8.90 4.55 1.28
C TYR A 284 9.12 3.14 1.77
N LEU A 285 9.03 2.94 3.09
CA LEU A 285 9.11 1.60 3.65
C LEU A 285 8.11 1.43 4.77
N ASP A 286 7.43 0.28 4.79
CA ASP A 286 6.70 -0.14 5.97
C ASP A 286 7.69 -0.32 7.13
N VAL A 287 7.25 -0.06 8.34
CA VAL A 287 8.08 -0.22 9.54
C VAL A 287 8.49 -1.67 9.83
N ASP A 288 7.96 -2.64 9.10
CA ASP A 288 8.34 -4.04 9.32
C ASP A 288 9.36 -4.53 8.27
N MET A 289 9.98 -3.59 7.58
CA MET A 289 10.95 -3.92 6.56
C MET A 289 12.33 -3.56 7.07
N LEU A 290 13.30 -4.38 6.69
CA LEU A 290 14.65 -4.21 7.13
C LEU A 290 15.54 -4.09 5.90
N PRO A 291 16.76 -3.52 6.07
CA PRO A 291 17.70 -3.39 4.96
C PRO A 291 17.99 -4.70 4.22
N GLY A 292 18.46 -4.61 2.99
CA GLY A 292 18.91 -5.81 2.25
C GLY A 292 20.17 -6.42 2.84
N ILE A 293 20.21 -7.74 2.91
CA ILE A 293 21.41 -8.44 3.35
C ILE A 293 22.44 -8.34 2.22
N GLN A 294 23.72 -8.20 2.56
CA GLN A 294 24.79 -8.17 1.55
C GLN A 294 24.76 -9.44 0.68
N PRO A 295 24.73 -9.25 -0.66
CA PRO A 295 24.72 -10.37 -1.61
C PRO A 295 25.67 -11.51 -1.24
N ASP A 296 26.92 -11.19 -0.93
CA ASP A 296 27.94 -12.23 -0.78
C ASP A 296 28.20 -12.67 0.67
N LEU A 297 27.30 -12.27 1.58
CA LEU A 297 27.45 -12.61 3.00
C LEU A 297 27.35 -14.10 3.28
N PHE A 298 26.19 -14.70 2.99
CA PHE A 298 25.98 -16.12 3.28
C PHE A 298 26.26 -17.02 2.08
N GLU A 299 27.05 -16.49 1.14
CA GLU A 299 27.46 -17.17 -0.08
C GLU A 299 28.18 -18.52 0.15
N SER A 300 28.73 -18.71 1.35
CA SER A 300 29.42 -19.96 1.67
C SER A 300 28.47 -21.04 2.18
N ILE A 301 27.36 -20.62 2.79
CA ILE A 301 26.36 -21.56 3.31
C ILE A 301 25.32 -21.87 2.23
N GLU A 302 25.07 -23.16 2.04
CA GLU A 302 24.13 -23.60 1.03
C GLU A 302 22.80 -23.96 1.67
N LYS A 303 21.71 -23.48 1.08
CA LYS A 303 20.37 -23.83 1.51
C LYS A 303 20.20 -25.33 1.41
N PRO A 304 19.85 -26.00 2.53
CA PRO A 304 19.56 -27.43 2.44
C PRO A 304 18.26 -27.67 1.66
N SER A 305 18.08 -28.89 1.17
CA SER A 305 16.92 -29.25 0.35
C SER A 305 15.60 -29.30 1.14
N SER A 306 15.69 -29.55 2.45
CA SER A 306 14.50 -29.72 3.29
C SER A 306 13.89 -28.40 3.79
N VAL A 307 14.12 -27.31 3.04
CA VAL A 307 13.80 -25.96 3.47
C VAL A 307 13.23 -25.10 2.33
N THR A 308 12.12 -24.42 2.58
CA THR A 308 11.54 -23.43 1.66
C THR A 308 12.57 -22.35 1.34
N VAL A 309 12.47 -21.75 0.16
CA VAL A 309 13.26 -20.55 -0.13
C VAL A 309 12.86 -19.42 0.84
N ASP A 310 11.58 -19.39 1.23
CA ASP A 310 11.09 -18.38 2.16
C ASP A 310 11.42 -18.65 3.62
N PHE A 311 11.50 -19.91 3.97
CA PHE A 311 12.00 -20.32 5.27
C PHE A 311 13.47 -19.86 5.40
N TRP A 312 14.26 -20.12 4.36
CA TRP A 312 15.66 -19.72 4.28
C TRP A 312 15.91 -18.21 4.43
N GLU A 313 15.04 -17.38 3.84
CA GLU A 313 15.17 -15.92 3.95
C GLU A 313 14.89 -15.42 5.37
N MET A 314 13.96 -16.09 6.04
CA MET A 314 13.59 -15.81 7.41
C MET A 314 14.76 -16.18 8.30
N THR A 315 15.32 -17.37 8.10
CA THR A 315 16.43 -17.84 8.94
C THR A 315 17.70 -17.00 8.78
N LYS A 316 17.96 -16.51 7.57
CA LYS A 316 19.08 -15.61 7.33
C LYS A 316 19.02 -14.41 8.27
N LEU A 317 17.84 -13.79 8.37
CA LEU A 317 17.64 -12.68 9.30
C LEU A 317 17.80 -13.09 10.77
N GLU A 318 17.13 -14.17 11.16
CA GLU A 318 17.18 -14.65 12.55
C GLU A 318 18.59 -14.97 13.04
N ALA A 319 19.46 -15.44 12.13
CA ALA A 319 20.86 -15.74 12.43
C ALA A 319 21.66 -14.45 12.69
N ILE A 320 21.37 -13.42 11.89
CA ILE A 320 21.95 -12.08 12.09
C ILE A 320 21.57 -11.52 13.46
N MET A 321 20.31 -11.68 13.85
CA MET A 321 19.81 -11.11 15.09
C MET A 321 20.14 -11.93 16.35
N LYS A 322 20.32 -13.23 16.19
CA LYS A 322 20.73 -14.09 17.29
C LYS A 322 22.17 -13.80 17.70
N TYR A 323 23.03 -13.58 16.71
CA TYR A 323 24.48 -13.43 16.92
C TYR A 323 24.99 -12.00 17.02
N LYS A 324 24.39 -11.10 16.25
CA LYS A 324 24.77 -9.70 16.32
C LYS A 324 23.85 -8.91 17.25
N GLU A 325 22.67 -9.45 17.51
CA GLU A 325 21.71 -8.87 18.47
C GLU A 325 21.29 -7.43 18.18
N TYR A 326 21.31 -7.04 16.90
CA TYR A 326 20.98 -5.67 16.48
C TYR A 326 19.57 -5.29 16.90
N ILE A 327 18.65 -6.23 16.79
CA ILE A 327 17.27 -6.03 17.20
C ILE A 327 16.99 -6.99 18.36
N PRO A 328 16.72 -6.43 19.57
CA PRO A 328 16.40 -7.23 20.73
C PRO A 328 15.09 -7.96 20.57
N GLU A 329 15.00 -9.12 21.22
CA GLU A 329 13.77 -9.92 21.26
C GLU A 329 13.27 -10.36 19.89
N TYR A 330 14.16 -10.33 18.91
CA TYR A 330 13.89 -10.94 17.61
C TYR A 330 13.78 -12.46 17.76
N THR A 331 12.83 -13.06 17.06
CA THR A 331 12.57 -14.50 17.13
C THR A 331 13.72 -15.33 16.54
N SER A 332 13.85 -16.54 17.06
CA SER A 332 14.85 -17.51 16.59
C SER A 332 14.16 -18.81 16.20
N GLU A 333 12.83 -18.73 16.15
CA GLU A 333 11.89 -19.84 15.93
C GLU A 333 12.32 -20.82 14.83
N HIS A 334 12.66 -20.27 13.66
CA HIS A 334 13.00 -21.07 12.48
C HIS A 334 14.47 -21.47 12.42
N PHE A 335 15.34 -20.58 12.90
CA PHE A 335 16.78 -20.87 12.97
C PHE A 335 17.03 -22.11 13.82
N ASP A 336 16.32 -22.20 14.95
CA ASP A 336 16.50 -23.29 15.90
C ASP A 336 16.10 -24.66 15.36
N MET A 337 15.43 -24.68 14.21
CA MET A 337 14.99 -25.94 13.61
C MET A 337 16.06 -26.53 12.67
N LEU A 338 17.10 -25.75 12.41
CA LEU A 338 18.25 -26.19 11.59
C LEU A 338 19.11 -27.24 12.32
N ASP A 339 20.04 -27.84 11.58
CA ASP A 339 21.04 -28.77 12.13
C ASP A 339 22.01 -28.09 13.10
N GLU A 340 22.80 -28.87 13.82
CA GLU A 340 23.99 -28.33 14.49
C GLU A 340 24.90 -27.73 13.41
N GLU A 341 25.17 -28.55 12.39
CA GLU A 341 26.13 -28.24 11.35
C GLU A 341 25.78 -26.98 10.57
N VAL A 342 24.49 -26.77 10.34
CA VAL A 342 24.02 -25.61 9.59
C VAL A 342 24.00 -24.35 10.48
N GLN A 343 23.59 -24.50 11.73
CA GLN A 343 23.66 -23.39 12.70
C GLN A 343 25.11 -22.95 12.96
N SER A 344 26.02 -23.92 12.99
CA SER A 344 27.45 -23.65 13.15
C SER A 344 28.01 -22.74 12.07
N SER A 345 27.64 -23.04 10.82
CA SER A 345 28.15 -22.29 9.66
C SER A 345 27.76 -20.82 9.71
N PHE A 346 26.55 -20.56 10.21
CA PHE A 346 26.04 -19.20 10.37
C PHE A 346 26.83 -18.42 11.41
N GLU A 347 27.16 -19.08 12.53
CA GLU A 347 27.96 -18.45 13.57
C GLU A 347 29.35 -18.14 13.04
N SER A 348 29.92 -19.13 12.36
CA SER A 348 31.23 -19.05 11.71
C SER A 348 31.33 -17.90 10.69
N VAL A 349 30.24 -17.62 9.99
CA VAL A 349 30.20 -16.51 9.03
C VAL A 349 29.95 -15.18 9.75
N LEU A 350 28.95 -15.17 10.63
CA LEU A 350 28.68 -14.01 11.51
C LEU A 350 29.81 -13.75 12.52
N ALA A 351 30.92 -14.46 12.37
CA ALA A 351 32.09 -14.25 13.23
C ALA A 351 33.13 -13.35 12.56
N SER A 352 33.48 -13.65 11.31
CA SER A 352 34.52 -12.91 10.56
C SER A 352 34.10 -11.48 10.21
N LYS A 353 32.89 -11.10 10.60
CA LYS A 353 32.35 -9.77 10.34
C LYS A 353 32.28 -8.99 11.66
N SER A 354 32.75 -7.75 11.66
CA SER A 354 32.67 -6.91 12.86
C SER A 354 31.74 -5.71 12.70
N ASP A 355 31.61 -5.21 11.47
CA ASP A 355 30.79 -4.04 11.20
C ASP A 355 29.41 -4.39 10.65
N LYS A 356 28.39 -3.65 11.08
CA LYS A 356 27.02 -3.82 10.59
C LYS A 356 26.96 -3.65 9.07
N SER A 357 27.90 -2.89 8.52
CA SER A 357 27.97 -2.65 7.08
C SER A 357 28.47 -3.88 6.28
N GLU A 358 29.03 -4.86 6.98
CA GLU A 358 29.42 -6.12 6.33
C GLU A 358 28.26 -7.11 6.25
N ILE A 359 27.14 -6.72 6.85
CA ILE A 359 25.96 -7.57 6.98
C ILE A 359 24.80 -7.00 6.15
N PHE A 360 24.51 -5.72 6.37
CA PHE A 360 23.46 -5.05 5.65
C PHE A 360 24.06 -4.17 4.59
N SER A 361 23.40 -4.10 3.43
CA SER A 361 23.87 -3.23 2.35
C SER A 361 23.24 -1.84 2.47
N SER A 362 23.74 -0.92 1.68
CA SER A 362 23.26 0.45 1.70
C SER A 362 22.55 0.75 0.39
N LEU A 363 21.58 1.67 0.45
CA LEU A 363 20.89 2.10 -0.74
C LEU A 363 21.81 2.91 -1.66
N GLY A 364 22.74 3.67 -1.06
CA GLY A 364 23.65 4.52 -1.81
C GLY A 364 22.93 5.46 -2.76
N ASP A 365 23.57 5.77 -3.87
CA ASP A 365 22.95 6.57 -4.91
C ASP A 365 21.96 5.74 -5.73
N MET A 366 20.71 6.18 -5.78
CA MET A 366 19.72 5.51 -6.62
C MET A 366 19.19 6.46 -7.71
N GLU A 367 18.68 5.84 -8.78
CA GLU A 367 18.16 6.57 -9.92
C GLU A 367 16.88 5.90 -10.38
N ALA A 368 15.95 6.70 -10.90
CA ALA A 368 14.69 6.18 -11.43
C ALA A 368 14.20 7.10 -12.54
N SER A 369 13.19 6.64 -13.30
CA SER A 369 12.60 7.46 -14.35
C SER A 369 11.64 8.52 -13.78
N PRO A 370 11.73 9.76 -14.33
CA PRO A 370 10.75 10.77 -13.92
C PRO A 370 9.31 10.27 -14.11
N LEU A 371 9.16 9.24 -14.94
CA LEU A 371 7.84 8.67 -15.18
C LEU A 371 7.36 7.71 -14.11
N GLU A 372 8.26 7.09 -13.35
CA GLU A 372 7.88 5.85 -12.64
C GLU A 372 7.80 5.94 -11.13
N VAL A 373 7.04 5.00 -10.56
CA VAL A 373 7.19 4.60 -9.17
C VAL A 373 7.60 3.15 -9.18
N LYS A 374 8.71 2.85 -8.52
CA LYS A 374 9.14 1.47 -8.36
C LYS A 374 8.46 0.85 -7.12
N ILE A 375 8.17 -0.44 -7.22
CA ILE A 375 7.40 -1.14 -6.21
C ILE A 375 8.08 -2.46 -5.86
N ALA A 376 8.03 -2.85 -4.58
CA ALA A 376 8.53 -4.14 -4.16
C ALA A 376 7.68 -5.29 -4.70
N PHE A 377 8.27 -6.48 -4.76
CA PHE A 377 7.64 -7.72 -5.21
C PHE A 377 7.72 -8.80 -4.13
N ASN A 378 6.69 -9.64 -4.05
CA ASN A 378 6.81 -10.93 -3.36
C ASN A 378 6.11 -11.96 -4.21
N SER A 379 6.01 -13.19 -3.71
CA SER A 379 5.53 -14.34 -4.51
C SER A 379 4.12 -14.15 -5.04
N LYS A 380 3.33 -13.30 -4.38
CA LYS A 380 1.97 -13.01 -4.83
C LYS A 380 1.86 -11.77 -5.75
N GLY A 381 2.99 -11.28 -6.27
CA GLY A 381 3.04 -10.10 -7.14
C GLY A 381 3.56 -8.84 -6.46
N ILE A 382 3.22 -7.68 -7.04
CA ILE A 382 3.63 -6.40 -6.49
C ILE A 382 3.01 -6.12 -5.12
N ILE A 383 3.73 -5.34 -4.30
CA ILE A 383 3.36 -5.04 -2.93
C ILE A 383 3.90 -3.66 -2.55
N ASN A 384 3.07 -2.78 -1.98
CA ASN A 384 3.51 -1.40 -1.71
C ASN A 384 4.20 -1.15 -0.37
N GLN A 385 4.75 -2.21 0.23
CA GLN A 385 5.53 -2.12 1.48
C GLN A 385 6.94 -1.51 1.23
N GLY A 386 7.31 -1.44 -0.06
CA GLY A 386 8.51 -0.73 -0.51
C GLY A 386 8.20 0.01 -1.80
N LEU A 387 8.61 1.27 -1.87
CA LEU A 387 8.34 2.14 -3.02
C LEU A 387 9.46 3.11 -3.23
N ILE A 388 9.82 3.31 -4.49
CA ILE A 388 10.86 4.27 -4.85
C ILE A 388 10.29 5.18 -5.94
N SER A 389 10.45 6.49 -5.76
CA SER A 389 10.03 7.48 -6.76
C SER A 389 10.82 8.80 -6.66
N VAL A 390 11.11 9.44 -7.79
CA VAL A 390 11.61 10.82 -7.73
C VAL A 390 10.42 11.76 -7.46
N LYS A 391 10.72 12.94 -6.91
CA LYS A 391 9.70 13.94 -6.63
C LYS A 391 8.84 14.20 -7.87
N ASP A 392 7.54 14.21 -7.67
CA ASP A 392 6.56 14.57 -8.71
C ASP A 392 6.56 13.62 -9.92
N SER A 393 6.95 12.37 -9.70
CA SER A 393 6.95 11.40 -10.80
C SER A 393 5.55 11.31 -11.43
N TYR A 394 5.52 10.95 -12.72
CA TYR A 394 4.27 10.81 -13.46
C TYR A 394 3.34 9.74 -12.85
N CYS A 395 3.89 8.56 -12.58
CA CYS A 395 3.18 7.51 -11.85
C CYS A 395 2.66 7.89 -10.47
N SER A 396 3.42 8.64 -9.70
CA SER A 396 2.96 9.03 -8.38
C SER A 396 1.65 9.79 -8.53
N ASN A 397 1.58 10.67 -9.52
CA ASN A 397 0.35 11.35 -9.86
C ASN A 397 -0.79 10.40 -10.34
N LEU A 398 -0.46 9.40 -11.16
CA LEU A 398 -1.47 8.46 -11.66
C LEU A 398 -2.01 7.57 -10.53
N ILE A 399 -1.14 7.25 -9.56
CA ILE A 399 -1.52 6.45 -8.42
C ILE A 399 -2.46 7.23 -7.51
N VAL A 400 -2.10 8.49 -7.20
CA VAL A 400 -2.98 9.39 -6.48
C VAL A 400 -4.37 9.45 -7.13
N LYS A 401 -4.40 9.65 -8.45
CA LYS A 401 -5.65 9.76 -9.20
C LYS A 401 -6.49 8.47 -9.12
N GLN A 402 -5.82 7.32 -9.26
CA GLN A 402 -6.44 6.00 -9.12
C GLN A 402 -7.14 5.82 -7.77
N ILE A 403 -6.40 6.07 -6.69
CA ILE A 403 -6.94 6.00 -5.33
C ILE A 403 -8.17 6.89 -5.15
N GLU A 404 -8.09 8.15 -5.57
CA GLU A 404 -9.22 9.06 -5.43
C GLU A 404 -10.43 8.58 -6.22
N ASN A 405 -10.18 8.08 -7.43
CA ASN A 405 -11.27 7.57 -8.26
C ASN A 405 -11.92 6.31 -7.68
N ARG A 406 -11.09 5.43 -7.11
CA ARG A 406 -11.60 4.24 -6.41
C ARG A 406 -12.45 4.61 -5.18
N TYR A 407 -12.02 5.64 -4.44
CA TYR A 407 -12.81 6.11 -3.31
C TYR A 407 -14.09 6.77 -3.75
N LYS A 408 -14.06 7.46 -4.88
CA LYS A 408 -15.25 8.12 -5.38
C LYS A 408 -16.33 7.09 -5.70
N ILE A 409 -15.92 5.97 -6.29
CA ILE A 409 -16.83 4.87 -6.58
C ILE A 409 -17.33 4.22 -5.28
N LEU A 410 -16.44 3.97 -4.32
CA LEU A 410 -16.86 3.37 -3.05
C LEU A 410 -17.89 4.25 -2.31
N ASN A 411 -17.52 5.51 -2.06
CA ASN A 411 -18.31 6.42 -1.27
C ASN A 411 -19.65 6.77 -1.89
N ASN A 412 -19.72 6.65 -3.21
CA ASN A 412 -20.94 6.93 -3.94
C ASN A 412 -22.02 5.89 -3.60
N SER A 413 -21.60 4.62 -3.41
CA SER A 413 -22.50 3.55 -2.98
C SER A 413 -22.60 3.42 -1.47
N LEU A 414 -21.48 3.59 -0.79
CA LEU A 414 -21.42 3.43 0.66
C LEU A 414 -22.22 4.47 1.43
N ASN A 415 -21.94 5.75 1.19
CA ASN A 415 -22.59 6.83 1.96
C ASN A 415 -24.13 6.85 2.00
N PRO A 416 -24.82 6.74 0.83
CA PRO A 416 -26.29 6.61 0.91
C PRO A 416 -26.77 5.40 1.73
N ALA A 417 -26.07 4.27 1.63
CA ALA A 417 -26.33 3.13 2.51
C ALA A 417 -26.27 3.53 4.00
N ILE A 418 -25.14 4.10 4.42
CA ILE A 418 -24.90 4.49 5.82
C ILE A 418 -25.84 5.56 6.35
N SER A 419 -26.22 6.51 5.50
CA SER A 419 -26.99 7.66 5.96
C SER A 419 -28.47 7.29 6.16
N GLU A 420 -28.83 6.06 5.80
CA GLU A 420 -30.05 5.44 6.33
C GLU A 420 -29.52 4.82 7.61
N ASP A 421 -30.29 4.85 8.68
CA ASP A 421 -29.68 4.54 9.95
C ASP A 421 -29.97 3.10 10.40
N ASN A 422 -29.44 2.14 9.65
CA ASN A 422 -29.79 0.73 9.88
C ASN A 422 -28.68 -0.10 10.51
N ASP A 423 -29.01 -1.33 10.93
CA ASP A 423 -28.02 -2.25 11.53
C ASP A 423 -27.00 -2.74 10.50
N PHE A 424 -26.01 -3.48 10.96
CA PHE A 424 -24.94 -3.99 10.12
C PHE A 424 -25.44 -4.68 8.82
N ASN A 425 -26.36 -5.65 8.99
CA ASN A 425 -26.81 -6.51 7.89
C ASN A 425 -27.53 -5.78 6.78
N THR A 426 -28.43 -4.88 7.16
CA THR A 426 -29.22 -4.12 6.22
C THR A 426 -28.32 -3.16 5.45
N THR A 427 -27.39 -2.53 6.18
CA THR A 427 -26.49 -1.56 5.60
C THR A 427 -25.58 -2.27 4.60
N THR A 428 -25.14 -3.48 4.96
CA THR A 428 -24.31 -4.28 4.07
C THR A 428 -25.07 -4.61 2.78
N ASN A 429 -26.32 -5.04 2.95
CA ASN A 429 -27.15 -5.45 1.83
C ASN A 429 -27.53 -4.30 0.90
N THR A 430 -27.83 -3.13 1.47
CA THR A 430 -28.08 -1.93 0.68
C THR A 430 -26.81 -1.51 -0.08
N PHE A 431 -25.69 -1.51 0.63
CA PHE A 431 -24.39 -1.16 0.07
C PHE A 431 -24.03 -2.06 -1.10
N ILE A 432 -24.17 -3.38 -0.91
CA ILE A 432 -23.87 -4.33 -1.97
C ILE A 432 -24.81 -4.19 -3.16
N ASP A 433 -26.12 -4.09 -2.90
CA ASP A 433 -27.10 -3.82 -3.97
C ASP A 433 -26.64 -2.64 -4.83
N SER A 434 -26.23 -1.55 -4.16
CA SER A 434 -25.81 -0.34 -4.84
C SER A 434 -24.52 -0.53 -5.68
N ILE A 435 -23.48 -1.12 -5.06
CA ILE A 435 -22.27 -1.53 -5.77
C ILE A 435 -22.62 -2.37 -7.00
N MET A 436 -23.57 -3.30 -6.83
CA MET A 436 -23.99 -4.18 -7.90
C MET A 436 -24.68 -3.43 -9.06
N ALA A 437 -25.46 -2.40 -8.74
CA ALA A 437 -26.18 -1.62 -9.75
C ALA A 437 -25.20 -0.75 -10.56
N GLU A 438 -24.13 -0.29 -9.93
CA GLU A 438 -23.09 0.53 -10.59
C GLU A 438 -21.98 -0.27 -11.28
N ALA A 439 -21.97 -1.60 -11.09
CA ALA A 439 -20.97 -2.46 -11.70
C ALA A 439 -21.15 -2.59 -13.22
N ASN A 440 -20.05 -2.81 -13.93
CA ASN A 440 -20.07 -3.08 -15.37
C ASN A 440 -18.86 -3.92 -15.76
N ALA A 441 -18.75 -4.24 -17.04
CA ALA A 441 -17.63 -5.04 -17.56
C ALA A 441 -16.23 -4.43 -17.30
N ASP A 442 -16.15 -3.12 -17.12
CA ASP A 442 -14.87 -2.46 -16.88
C ASP A 442 -14.44 -2.56 -15.40
N ASN A 443 -15.40 -2.47 -14.47
CA ASN A 443 -15.05 -2.39 -13.04
C ASN A 443 -15.43 -3.60 -12.18
N GLY A 444 -15.95 -4.64 -12.85
CA GLY A 444 -16.44 -5.90 -12.25
C GLY A 444 -15.74 -6.52 -11.07
N ARG A 445 -14.51 -6.99 -11.24
CA ARG A 445 -13.76 -7.64 -10.14
C ARG A 445 -13.58 -6.70 -8.96
N PHE A 446 -13.31 -5.43 -9.28
CA PHE A 446 -13.02 -4.42 -8.27
C PHE A 446 -14.28 -4.18 -7.43
N MET A 447 -15.44 -4.15 -8.08
CA MET A 447 -16.72 -3.97 -7.41
C MET A 447 -17.03 -5.14 -6.45
N MET A 448 -16.79 -6.38 -6.90
CA MET A 448 -16.90 -7.58 -6.04
C MET A 448 -16.05 -7.48 -4.77
N GLU A 449 -14.89 -6.85 -4.91
CA GLU A 449 -13.98 -6.72 -3.78
C GLU A 449 -14.38 -5.61 -2.78
N LEU A 450 -15.14 -4.63 -3.25
CA LEU A 450 -15.65 -3.52 -2.43
C LEU A 450 -16.75 -3.89 -1.41
N GLY A 451 -17.45 -4.99 -1.63
CA GLY A 451 -18.65 -5.32 -0.86
C GLY A 451 -18.38 -5.77 0.57
N LYS A 452 -17.11 -6.08 0.86
CA LYS A 452 -16.69 -6.49 2.20
C LYS A 452 -16.14 -5.33 3.03
N TYR A 453 -16.18 -4.12 2.48
CA TYR A 453 -15.52 -2.95 3.08
C TYR A 453 -15.86 -2.62 4.55
N LEU A 454 -17.10 -2.82 4.97
CA LEU A 454 -17.47 -2.45 6.34
C LEU A 454 -16.82 -3.35 7.41
N ARG A 455 -16.17 -4.41 6.97
CA ARG A 455 -15.61 -5.41 7.86
C ARG A 455 -14.08 -5.34 8.00
N VAL A 456 -13.46 -4.44 7.26
CA VAL A 456 -12.01 -4.41 7.21
C VAL A 456 -11.40 -4.23 8.59
N GLY A 457 -10.57 -5.19 8.95
CA GLY A 457 -9.82 -5.16 10.19
C GLY A 457 -10.54 -5.83 11.33
N PHE A 458 -11.76 -6.34 11.09
CA PHE A 458 -12.68 -6.78 12.14
C PHE A 458 -13.17 -8.22 11.97
N PHE A 459 -12.92 -8.77 10.78
CA PHE A 459 -13.38 -10.09 10.37
C PHE A 459 -12.23 -10.77 9.59
N PRO A 460 -12.09 -12.12 9.72
CA PRO A 460 -10.98 -12.77 8.98
C PRO A 460 -11.03 -12.58 7.48
N ASP A 461 -9.86 -12.49 6.87
CA ASP A 461 -9.71 -12.52 5.41
C ASP A 461 -10.49 -11.43 4.68
N VAL A 462 -10.46 -10.20 5.21
CA VAL A 462 -11.05 -9.08 4.52
C VAL A 462 -9.92 -8.15 4.09
N LYS A 463 -9.74 -8.03 2.77
CA LYS A 463 -8.55 -7.41 2.16
C LYS A 463 -8.88 -6.22 1.26
N THR A 464 -10.05 -5.62 1.44
CA THR A 464 -10.58 -4.62 0.51
C THR A 464 -9.55 -3.54 0.20
N THR A 465 -8.81 -3.13 1.23
CA THR A 465 -7.77 -2.11 1.14
C THR A 465 -6.82 -2.30 -0.06
N ILE A 466 -6.43 -3.54 -0.32
CA ILE A 466 -5.56 -3.85 -1.46
C ILE A 466 -6.12 -3.34 -2.82
N ASN A 467 -7.45 -3.35 -2.97
CA ASN A 467 -8.11 -2.93 -4.19
C ASN A 467 -8.42 -1.43 -4.25
N LEU A 468 -8.38 -0.79 -3.10
CA LEU A 468 -8.78 0.59 -2.97
C LEU A 468 -7.57 1.51 -2.95
N SER A 469 -6.67 1.28 -2.00
CA SER A 469 -5.53 2.18 -1.82
C SER A 469 -4.17 1.49 -1.97
N GLY A 470 -4.20 0.18 -2.17
CA GLY A 470 -3.00 -0.65 -2.13
C GLY A 470 -2.58 -1.11 -3.50
N PRO A 471 -1.88 -2.26 -3.58
CA PRO A 471 -1.22 -2.71 -4.81
C PRO A 471 -1.99 -2.55 -6.11
N GLU A 472 -3.32 -2.64 -6.07
CA GLU A 472 -4.11 -2.63 -7.31
C GLU A 472 -4.21 -1.23 -7.93
N ALA A 473 -4.16 -0.21 -7.08
CA ALA A 473 -4.05 1.16 -7.57
C ALA A 473 -2.72 1.36 -8.33
N TYR A 474 -1.67 0.66 -7.89
CA TYR A 474 -0.34 0.74 -8.52
C TYR A 474 -0.36 0.06 -9.89
N ALA A 475 -0.91 -1.15 -9.98
CA ALA A 475 -1.04 -1.88 -11.24
C ALA A 475 -1.92 -1.11 -12.23
N ALA A 476 -3.00 -0.53 -11.73
CA ALA A 476 -3.85 0.30 -12.55
C ALA A 476 -3.09 1.51 -13.11
N ALA A 477 -2.26 2.13 -12.28
CA ALA A 477 -1.44 3.27 -12.70
C ALA A 477 -0.42 2.89 -13.78
N TYR A 478 0.23 1.74 -13.61
CA TYR A 478 1.20 1.27 -14.60
C TYR A 478 0.51 1.00 -15.93
N GLN A 479 -0.72 0.49 -15.86
CA GLN A 479 -1.52 0.26 -17.05
C GLN A 479 -1.94 1.59 -17.67
N ASP A 480 -2.33 2.55 -16.82
CA ASP A 480 -2.57 3.92 -17.30
C ASP A 480 -1.40 4.39 -18.12
N LEU A 481 -0.21 4.23 -17.56
CA LEU A 481 1.04 4.64 -18.19
C LEU A 481 1.22 3.95 -19.52
N LEU A 482 1.18 2.62 -19.50
CA LEU A 482 1.54 1.83 -20.67
C LEU A 482 0.44 1.84 -21.75
N MET A 483 -0.74 2.32 -21.40
CA MET A 483 -1.85 2.39 -22.35
C MET A 483 -2.26 3.81 -22.72
N PHE A 484 -1.43 4.77 -22.33
CA PHE A 484 -1.61 6.20 -22.66
C PHE A 484 -3.01 6.73 -22.28
N LYS A 485 -3.53 6.23 -21.16
CA LYS A 485 -4.84 6.65 -20.70
C LYS A 485 -4.76 6.98 -19.22
N GLU A 486 -5.90 7.30 -18.64
CA GLU A 486 -6.06 7.41 -17.19
C GLU A 486 -7.37 6.72 -16.79
N GLY A 487 -7.36 6.11 -15.60
CA GLY A 487 -8.57 5.47 -15.07
C GLY A 487 -8.83 4.01 -15.41
N SER A 488 -7.79 3.24 -15.70
CA SER A 488 -7.90 1.79 -15.83
C SER A 488 -8.54 1.21 -14.57
N MET A 489 -9.52 0.33 -14.75
CA MET A 489 -10.20 -0.34 -13.63
C MET A 489 -10.16 -1.84 -13.84
N ASN A 490 -9.78 -2.25 -15.05
CA ASN A 490 -9.70 -3.64 -15.45
C ASN A 490 -8.24 -3.95 -15.76
N ILE A 491 -7.53 -4.53 -14.79
CA ILE A 491 -6.11 -4.87 -14.95
C ILE A 491 -5.88 -6.06 -15.89
N HIS A 492 -5.29 -5.82 -17.06
CA HIS A 492 -4.91 -6.93 -17.96
C HIS A 492 -3.39 -7.18 -18.06
N LEU A 493 -2.59 -6.35 -17.40
CA LEU A 493 -1.13 -6.55 -17.40
C LEU A 493 -0.77 -7.88 -16.76
N ILE A 494 0.24 -8.56 -17.28
CA ILE A 494 0.76 -9.74 -16.61
C ILE A 494 2.09 -9.46 -15.91
N GLU A 495 2.59 -10.47 -15.19
CA GLU A 495 3.82 -10.37 -14.41
C GLU A 495 4.97 -9.67 -15.17
N ALA A 496 5.16 -10.03 -16.44
CA ALA A 496 6.26 -9.48 -17.24
C ALA A 496 6.17 -7.94 -17.43
N ASP A 497 4.96 -7.41 -17.51
CA ASP A 497 4.80 -5.95 -17.63
C ASP A 497 5.24 -5.29 -16.32
N LEU A 498 4.74 -5.83 -15.21
CA LEU A 498 4.98 -5.28 -13.90
C LEU A 498 6.45 -5.40 -13.46
N ARG A 499 7.16 -6.41 -13.94
CA ARG A 499 8.58 -6.58 -13.62
C ARG A 499 9.39 -5.32 -13.95
N ASN A 500 8.99 -4.57 -14.98
CA ASN A 500 9.63 -3.30 -15.35
C ASN A 500 9.69 -2.25 -14.21
N PHE A 501 8.83 -2.42 -13.21
CA PHE A 501 8.72 -1.46 -12.11
C PHE A 501 9.24 -1.99 -10.79
N GLU A 502 9.79 -3.19 -10.80
CA GLU A 502 10.29 -3.80 -9.57
C GLU A 502 11.47 -3.04 -8.99
N ILE A 503 11.47 -2.93 -7.66
CA ILE A 503 12.67 -2.61 -6.88
C ILE A 503 13.44 -3.92 -6.84
N SER A 504 14.76 -3.90 -7.04
CA SER A 504 15.50 -5.18 -6.97
C SER A 504 15.51 -5.76 -5.55
N LYS A 505 15.32 -7.06 -5.49
CA LYS A 505 15.15 -7.80 -4.25
C LYS A 505 16.29 -7.53 -3.25
N THR A 506 17.46 -7.17 -3.75
CA THR A 506 18.63 -6.88 -2.90
C THR A 506 18.53 -5.59 -2.07
N ASN A 507 17.53 -4.75 -2.36
CA ASN A 507 17.37 -3.47 -1.65
C ASN A 507 16.49 -3.55 -0.41
N ILE A 508 15.75 -4.64 -0.26
CA ILE A 508 14.91 -4.85 0.91
C ILE A 508 14.99 -6.28 1.35
N SER A 509 14.98 -6.48 2.68
CA SER A 509 14.69 -7.76 3.27
C SER A 509 13.26 -7.68 3.73
N GLN A 510 12.39 -8.41 3.04
CA GLN A 510 10.94 -8.38 3.29
C GLN A 510 10.51 -9.46 4.28
N SER A 511 11.27 -10.55 4.33
CA SER A 511 10.92 -11.71 5.14
C SER A 511 11.20 -11.52 6.65
N THR A 512 10.70 -10.44 7.23
CA THR A 512 10.95 -10.13 8.64
C THR A 512 9.89 -10.72 9.56
N GLU A 513 10.21 -10.76 10.85
CA GLU A 513 9.30 -11.23 11.86
C GLU A 513 8.00 -10.46 11.88
N GLN A 514 8.10 -9.13 11.93
CA GLN A 514 6.91 -8.27 11.95
C GLN A 514 6.05 -8.33 10.67
N GLU A 515 6.68 -8.67 9.55
CA GLU A 515 5.96 -8.79 8.28
C GLU A 515 4.97 -9.94 8.34
N MET A 516 5.33 -10.96 9.13
CA MET A 516 4.55 -12.21 9.31
C MET A 516 3.28 -12.04 10.15
N ALA A 517 3.07 -10.87 10.74
CA ALA A 517 1.79 -10.57 11.36
C ALA A 517 1.23 -9.19 10.92
N SER A 518 0.06 -9.22 10.29
CA SER A 518 -0.58 -8.07 9.70
C SER A 518 -1.27 -7.26 10.76
N LEU A 519 -1.15 -5.93 10.67
CA LEU A 519 -1.73 -5.01 11.64
C LEU A 519 -3.17 -4.62 11.31
N TRP A 520 -3.63 -4.85 10.09
CA TRP A 520 -4.94 -4.38 9.65
C TRP A 520 -5.84 -5.52 9.18
N SER A 521 -5.28 -6.73 9.16
CA SER A 521 -6.00 -7.88 8.62
C SER A 521 -5.57 -9.14 9.36
N PHE A 522 -6.30 -10.22 9.19
CA PHE A 522 -5.94 -11.48 9.84
C PHE A 522 -6.59 -12.64 9.13
N ASP A 523 -5.84 -13.73 9.01
CA ASP A 523 -6.33 -14.93 8.33
C ASP A 523 -7.14 -15.85 9.26
N ASP A 524 -7.70 -16.92 8.69
CA ASP A 524 -8.61 -17.80 9.41
C ASP A 524 -7.99 -18.53 10.55
N ALA A 525 -6.77 -19.03 10.35
CA ALA A 525 -6.04 -19.75 11.39
C ALA A 525 -5.80 -18.82 12.58
N ARG A 526 -5.46 -17.56 12.32
CA ARG A 526 -5.31 -16.57 13.37
C ARG A 526 -6.63 -16.25 14.09
N ALA A 527 -7.70 -16.07 13.33
CA ALA A 527 -9.04 -15.87 13.88
C ALA A 527 -9.47 -17.01 14.82
N LYS A 528 -9.12 -18.24 14.43
CA LYS A 528 -9.42 -19.42 15.24
C LYS A 528 -8.65 -19.37 16.55
N ALA A 529 -7.34 -19.16 16.46
CA ALA A 529 -6.50 -19.04 17.64
C ALA A 529 -6.94 -17.90 18.59
N GLN A 530 -7.31 -16.75 18.01
CA GLN A 530 -7.84 -15.60 18.78
C GLN A 530 -9.12 -15.93 19.55
N PHE A 531 -10.10 -16.49 18.84
CA PHE A 531 -11.35 -16.97 19.45
C PHE A 531 -11.04 -17.76 20.71
N GLU A 532 -10.21 -18.79 20.56
CA GLU A 532 -9.91 -19.71 21.63
C GLU A 532 -9.22 -19.00 22.79
N GLU A 533 -8.28 -18.10 22.50
CA GLU A 533 -7.66 -17.30 23.53
C GLU A 533 -8.70 -16.46 24.28
N TYR A 534 -9.60 -15.80 23.54
CA TYR A 534 -10.62 -14.96 24.16
C TYR A 534 -11.54 -15.76 25.07
N LYS A 535 -11.94 -16.97 24.67
CA LYS A 535 -12.77 -17.86 25.53
C LYS A 535 -12.09 -18.13 26.87
N ARG A 536 -10.83 -18.58 26.83
CA ARG A 536 -9.99 -18.82 28.01
C ARG A 536 -9.91 -17.62 28.96
N ASN A 537 -9.59 -16.45 28.39
CA ASN A 537 -9.51 -15.21 29.15
C ASN A 537 -10.84 -14.89 29.82
N TYR A 538 -11.93 -15.01 29.05
CA TYR A 538 -13.27 -14.80 29.57
C TYR A 538 -13.60 -15.76 30.70
N PHE A 539 -13.27 -17.04 30.52
CA PHE A 539 -13.46 -18.08 31.53
C PHE A 539 -12.62 -17.82 32.80
N GLU A 540 -11.39 -17.36 32.61
CA GLU A 540 -10.43 -17.13 33.71
C GLU A 540 -10.48 -15.73 34.30
N GLY A 541 -10.80 -14.73 33.48
CA GLY A 541 -10.78 -13.33 33.93
C GLY A 541 -12.04 -13.01 34.73
N ALA A 542 -12.19 -13.39 35.88
MN MN B . 3.80 -5.84 6.42
N1 UDP C . 0.05 1.28 10.36
C2 UDP C . 0.02 2.40 11.22
N3 UDP C . -0.56 2.27 12.49
C4 UDP C . -1.11 1.04 12.89
C5 UDP C . -1.09 -0.06 12.04
C6 UDP C . -0.51 0.06 10.78
O2 UDP C . 0.51 3.47 10.88
O4 UDP C . -1.61 0.95 14.01
C1' UDP C . 0.66 1.41 9.01
C2' UDP C . 2.18 1.31 9.10
O2' UDP C . 2.72 2.27 8.19
C3' UDP C . 2.41 -0.09 8.59
C4' UDP C . 1.41 -0.11 7.44
O4' UDP C . 0.22 0.38 8.09
O3' UDP C . 3.73 -0.21 8.08
C5' UDP C . 1.20 -1.53 6.94
O5' UDP C . 1.07 -2.40 8.05
PA UDP C . 1.34 -3.98 7.89
O1A UDP C . 2.73 -4.25 7.47
O2A UDP C . 0.82 -4.65 9.08
O3A UDP C . 0.36 -4.31 6.64
PB UDP C . 0.63 -5.66 5.77
O1B UDP C . -0.46 -5.62 4.60
O2B UDP C . 0.28 -6.96 6.66
O3B UDP C . 2.01 -5.76 5.22
C1 GLC D . 0.30 -4.39 1.53
C2 GLC D . 1.37 -3.55 2.29
C3 GLC D . 0.84 -2.43 3.21
C4 GLC D . -0.54 -1.90 2.81
C5 GLC D . -1.51 -3.05 2.50
C6 GLC D . -2.87 -2.57 2.01
O1 GLC D . 0.19 -5.72 2.01
O2 GLC D . 2.25 -4.38 3.04
O3 GLC D . 1.79 -1.38 3.22
O4 GLC D . -1.04 -1.09 3.86
O5 GLC D . -1.02 -3.82 1.43
O6 GLC D . -2.70 -1.85 0.83
S SO4 E . -1.96 -12.83 9.25
O1 SO4 E . -2.55 -12.40 8.00
O2 SO4 E . -0.90 -13.84 9.03
O3 SO4 E . -1.40 -11.65 9.90
O4 SO4 E . -3.00 -13.39 10.10
#